data_4I6H
#
_entry.id   4I6H
#
_cell.length_a   104.755
_cell.length_b   60.849
_cell.length_c   53.387
_cell.angle_alpha   90.00
_cell.angle_beta   107.36
_cell.angle_gamma   90.00
#
_symmetry.space_group_name_H-M   'C 1 2 1'
#
loop_
_entity.id
_entity.type
_entity.pdbx_description
1 polymer 'Serine/threonine-protein kinase PLK2'
2 non-polymer (7R)-8-cyclopentyl-7-ethyl-5-methyl-2-[2-(1,3-thiazol-4-yl)-1H-imidazol-1-yl]-7,8-dihydropteridin-6(5H)-one
3 water water
#
_entity_poly.entity_id   1
_entity_poly.type   'polypeptide(L)'
_entity_poly.pdbx_seq_one_letter_code
;MMHHHHHHHHSHSGPEISRIIVDPTTGKRYSRGKTLGKGGFAKCYEMTDLTNNKVYAAKIIPHSRVSKPHQREKIDKEIE
LHRILHHKHVVQFYHYFEDKENIYILLEYCSRRSMAHILKARKVLTEPEVRYYLRQIVSGLKYLHEQEILHRDLKLGNFF
INESMELKVGDFGLAARLEPLEHRRRTICGTPNYLSPEVLNKQGHGAESDIWALGCVMYTMLLGRPPFETTNLKETYRSI
REARYTMPSSLLAPAKHLIASMLSKNPEDRPSLDDIIRHDFFTQGFTPDRLSSSCCHTVPDFHLSSPA
;
_entity_poly.pdbx_strand_id   A
#
loop_
_chem_comp.id
_chem_comp.type
_chem_comp.name
_chem_comp.formula
1C8 non-polymer (7R)-8-cyclopentyl-7-ethyl-5-methyl-2-[2-(1,3-thiazol-4-yl)-1H-imidazol-1-yl]-7,8-dihydropteridin-6(5H)-one 'C20 H23 N7 O S'
#
# COMPACT_ATOMS: atom_id res chain seq x y z
N ARG A 19 16.31 -15.10 -22.36
CA ARG A 19 16.89 -13.82 -21.87
C ARG A 19 17.64 -13.97 -20.54
N ILE A 20 18.96 -13.88 -20.62
CA ILE A 20 19.84 -13.95 -19.45
C ILE A 20 20.27 -12.55 -19.05
N ILE A 21 20.10 -12.21 -17.77
CA ILE A 21 20.52 -10.93 -17.24
C ILE A 21 21.61 -11.13 -16.19
N VAL A 22 22.79 -10.58 -16.47
CA VAL A 22 23.94 -10.75 -15.63
C VAL A 22 24.24 -9.44 -14.91
N ASP A 23 24.45 -9.53 -13.58
CA ASP A 23 24.87 -8.39 -12.77
C ASP A 23 26.37 -8.14 -12.98
N PRO A 24 26.72 -6.99 -13.61
CA PRO A 24 28.10 -6.66 -14.01
C PRO A 24 29.09 -6.48 -12.86
N THR A 25 28.60 -6.26 -11.64
CA THR A 25 29.48 -6.08 -10.47
C THR A 25 29.65 -7.35 -9.61
N THR A 26 28.84 -8.37 -9.87
CA THR A 26 28.91 -9.65 -9.14
C THR A 26 29.08 -10.88 -10.04
N GLY A 27 28.40 -10.88 -11.18
CA GLY A 27 28.42 -12.02 -12.09
C GLY A 27 27.25 -12.97 -11.85
N LYS A 28 26.33 -12.55 -10.99
CA LYS A 28 25.09 -13.27 -10.74
C LYS A 28 24.22 -13.24 -11.99
N ARG A 29 23.68 -14.40 -12.33
CA ARG A 29 22.87 -14.53 -13.52
C ARG A 29 21.41 -14.76 -13.15
N TYR A 30 20.53 -13.99 -13.79
CA TYR A 30 19.09 -14.12 -13.61
C TYR A 30 18.42 -14.46 -14.95
N SER A 31 17.22 -15.04 -14.88
CA SER A 31 16.45 -15.40 -16.07
C SER A 31 15.15 -14.59 -16.10
N ARG A 32 14.95 -13.80 -17.15
CA ARG A 32 13.74 -12.98 -17.29
C ARG A 32 12.57 -13.80 -17.83
N GLY A 33 11.47 -13.79 -17.10
CA GLY A 33 10.26 -14.54 -17.47
C GLY A 33 9.22 -13.66 -18.15
N LYS A 34 7.95 -13.99 -17.90
CA LYS A 34 6.83 -13.28 -18.50
C LYS A 34 6.74 -11.82 -18.01
N THR A 35 6.14 -10.96 -18.84
CA THR A 35 5.77 -9.61 -18.44
C THR A 35 4.66 -9.67 -17.38
N LEU A 36 4.70 -8.75 -16.41
CA LEU A 36 3.72 -8.72 -15.33
C LEU A 36 2.79 -7.50 -15.42
N GLY A 37 3.31 -6.40 -15.97
CA GLY A 37 2.49 -5.22 -16.22
C GLY A 37 3.27 -3.92 -16.37
N LYS A 38 2.65 -2.83 -15.94
CA LYS A 38 3.26 -1.49 -16.00
C LYS A 38 3.37 -0.88 -14.60
N GLY A 39 4.35 0.01 -14.41
CA GLY A 39 4.55 0.67 -13.13
C GLY A 39 5.21 2.05 -13.20
N GLY A 40 4.67 2.92 -14.04
CA GLY A 40 5.20 4.28 -14.19
C GLY A 40 6.49 4.29 -14.98
N PHE A 41 7.62 4.22 -14.26
CA PHE A 41 8.93 4.00 -14.89
C PHE A 41 9.23 2.51 -15.04
N ALA A 42 8.63 1.70 -14.17
CA ALA A 42 8.84 0.26 -14.17
C ALA A 42 8.13 -0.42 -15.35
N LYS A 43 8.93 -1.22 -16.07
CA LYS A 43 8.41 -2.27 -16.93
C LYS A 43 8.56 -3.52 -16.08
N CYS A 44 7.49 -4.28 -15.89
CA CYS A 44 7.53 -5.38 -14.93
C CYS A 44 7.51 -6.77 -15.55
N TYR A 45 8.51 -7.57 -15.21
CA TYR A 45 8.65 -8.94 -15.67
C TYR A 45 8.98 -9.85 -14.48
N GLU A 46 8.71 -11.14 -14.64
CA GLU A 46 9.21 -12.16 -13.72
C GLU A 46 10.73 -12.27 -13.87
N MET A 47 11.44 -12.37 -12.75
CA MET A 47 12.89 -12.48 -12.78
C MET A 47 13.38 -13.61 -11.85
N THR A 48 13.83 -14.70 -12.45
CA THR A 48 14.32 -15.86 -11.71
C THR A 48 15.79 -15.70 -11.34
N ASP A 49 16.07 -15.82 -10.04
CA ASP A 49 17.44 -15.92 -9.57
C ASP A 49 17.86 -17.36 -9.76
N LEU A 50 18.96 -17.53 -10.45
CA LEU A 50 19.32 -18.83 -10.98
C LEU A 50 20.07 -19.67 -9.91
N THR A 51 20.29 -19.03 -8.74
CA THR A 51 21.19 -19.40 -7.63
C THR A 51 20.65 -19.89 -6.32
N ASN A 52 19.92 -19.09 -5.52
CA ASN A 52 18.62 -19.67 -5.31
C ASN A 52 17.67 -20.50 -6.08
N ASN A 53 17.38 -20.16 -7.32
CA ASN A 53 16.31 -20.89 -7.98
C ASN A 53 14.88 -20.51 -7.61
N LYS A 54 14.66 -19.22 -7.46
CA LYS A 54 13.34 -18.72 -7.08
C LYS A 54 12.93 -17.53 -7.95
N VAL A 55 11.64 -17.38 -8.18
CA VAL A 55 11.11 -16.28 -9.01
C VAL A 55 10.71 -15.05 -8.19
N TYR A 56 11.01 -13.87 -8.73
CA TYR A 56 10.64 -12.59 -8.11
C TYR A 56 9.90 -11.72 -9.12
N ALA A 57 9.28 -10.65 -8.64
CA ALA A 57 8.61 -9.67 -9.49
C ALA A 57 9.53 -8.47 -9.61
N ALA A 58 10.07 -8.24 -10.82
CA ALA A 58 11.07 -7.20 -11.03
C ALA A 58 10.55 -5.91 -11.68
N LYS A 59 10.99 -4.78 -11.15
CA LYS A 59 10.87 -3.49 -11.82
C LYS A 59 12.10 -3.28 -12.68
N ILE A 60 11.87 -3.07 -13.98
CA ILE A 60 12.98 -2.83 -14.91
C ILE A 60 12.89 -1.42 -15.50
N ILE A 61 13.80 -0.56 -15.06
CA ILE A 61 13.78 0.86 -15.38
C ILE A 61 14.98 1.23 -16.24
N PRO A 62 14.78 1.36 -17.56
CA PRO A 62 15.83 1.86 -18.45
C PRO A 62 16.32 3.22 -17.98
N HIS A 63 17.63 3.46 -18.08
CA HIS A 63 18.27 4.71 -17.65
C HIS A 63 17.72 5.95 -18.37
N SER A 64 17.31 5.74 -19.63
CA SER A 64 16.69 6.77 -20.46
C SER A 64 15.45 7.39 -19.81
N ARG A 65 14.75 6.59 -19.02
CA ARG A 65 13.56 7.02 -18.28
C ARG A 65 13.88 8.05 -17.21
N VAL A 66 15.04 7.92 -16.58
CA VAL A 66 15.36 8.70 -15.38
C VAL A 66 16.63 9.59 -15.50
N SER A 67 16.76 10.27 -16.63
CA SER A 67 17.91 11.16 -16.89
C SER A 67 17.89 12.43 -16.03
N LYS A 68 16.68 12.89 -15.67
CA LYS A 68 16.51 14.05 -14.78
C LYS A 68 16.96 13.71 -13.35
N PRO A 69 17.70 14.64 -12.70
CA PRO A 69 18.21 14.45 -11.33
C PRO A 69 17.16 14.04 -10.30
N HIS A 70 15.93 14.55 -10.42
CA HIS A 70 14.90 14.37 -9.39
C HIS A 70 14.18 13.01 -9.46
N GLN A 71 14.04 12.46 -10.67
CA GLN A 71 13.44 11.15 -10.87
C GLN A 71 14.48 10.04 -10.68
N ARG A 72 15.75 10.42 -10.80
CA ARG A 72 16.86 9.56 -10.47
C ARG A 72 16.94 9.39 -8.95
N GLU A 73 16.82 10.51 -8.23
CA GLU A 73 16.76 10.52 -6.77
C GLU A 73 15.51 9.83 -6.24
N LYS A 74 14.40 9.93 -6.98
CA LYS A 74 13.14 9.28 -6.61
C LYS A 74 13.28 7.78 -6.35
N ILE A 75 13.85 7.04 -7.31
CA ILE A 75 14.00 5.59 -7.17
C ILE A 75 15.12 5.26 -6.17
N ASP A 76 16.06 6.20 -6.02
CA ASP A 76 17.17 6.06 -5.10
C ASP A 76 16.74 6.04 -3.62
N LYS A 77 15.76 6.88 -3.27
CA LYS A 77 15.20 6.86 -1.92
C LYS A 77 14.29 5.65 -1.74
N GLU A 78 13.58 5.29 -2.81
CA GLU A 78 12.71 4.12 -2.79
C GLU A 78 13.49 2.84 -2.53
N ILE A 79 14.67 2.72 -3.11
CA ILE A 79 15.54 1.56 -2.88
C ILE A 79 16.16 1.63 -1.49
N GLU A 80 16.73 2.81 -1.16
CA GLU A 80 17.37 3.07 0.14
C GLU A 80 16.47 2.78 1.36
N LEU A 81 15.22 3.21 1.27
CA LEU A 81 14.27 3.04 2.37
C LEU A 81 13.66 1.63 2.41
N HIS A 82 13.33 1.08 1.24
CA HIS A 82 12.64 -0.22 1.13
C HIS A 82 13.52 -1.42 1.53
N ARG A 83 14.78 -1.37 1.11
CA ARG A 83 15.72 -2.49 1.29
C ARG A 83 16.01 -2.87 2.74
N ILE A 84 15.64 -2.01 3.69
CA ILE A 84 15.93 -2.22 5.11
C ILE A 84 14.75 -2.77 5.92
N LEU A 85 13.64 -3.09 5.24
CA LEU A 85 12.43 -3.58 5.89
C LEU A 85 12.25 -5.09 5.79
N HIS A 86 12.13 -5.73 6.96
CA HIS A 86 11.91 -7.17 7.04
CA HIS A 86 11.92 -7.17 7.03
C HIS A 86 10.70 -7.50 7.91
N HIS A 87 9.56 -7.70 7.26
CA HIS A 87 8.30 -8.02 7.94
C HIS A 87 7.35 -8.85 7.06
N LYS A 88 6.61 -9.75 7.70
CA LYS A 88 5.65 -10.65 7.05
C LYS A 88 4.50 -9.96 6.27
N HIS A 89 4.29 -8.67 6.50
CA HIS A 89 3.20 -7.96 5.83
C HIS A 89 3.67 -6.71 5.10
N VAL A 90 4.94 -6.74 4.73
CA VAL A 90 5.57 -5.75 3.87
C VAL A 90 6.28 -6.53 2.77
N VAL A 91 6.06 -6.13 1.52
CA VAL A 91 6.72 -6.72 0.36
C VAL A 91 8.21 -6.77 0.62
N GLN A 92 8.80 -7.95 0.47
CA GLN A 92 10.19 -8.14 0.80
C GLN A 92 11.10 -7.63 -0.31
N PHE A 93 11.98 -6.68 0.02
CA PHE A 93 13.06 -6.32 -0.88
C PHE A 93 13.99 -7.53 -0.94
N TYR A 94 14.44 -7.86 -2.14
CA TYR A 94 15.43 -8.92 -2.30
C TYR A 94 16.82 -8.37 -2.66
N HIS A 95 16.87 -7.63 -3.78
CA HIS A 95 18.12 -7.15 -4.33
C HIS A 95 17.88 -6.14 -5.45
N TYR A 96 18.79 -5.17 -5.57
CA TYR A 96 18.79 -4.21 -6.65
C TYR A 96 20.16 -4.16 -7.31
N PHE A 97 20.19 -4.01 -8.64
CA PHE A 97 21.43 -3.83 -9.39
C PHE A 97 21.17 -3.10 -10.72
N GLU A 98 22.21 -2.74 -11.43
CA GLU A 98 22.12 -2.08 -12.73
C GLU A 98 23.12 -2.64 -13.72
N ASP A 99 22.73 -2.80 -14.96
CA ASP A 99 23.62 -3.17 -16.05
C ASP A 99 23.74 -1.94 -16.93
N LYS A 100 24.11 -2.12 -18.17
CA LYS A 100 24.44 -0.96 -19.00
C LYS A 100 23.26 -0.07 -19.36
N GLU A 101 22.07 -0.61 -19.37
CA GLU A 101 20.86 0.16 -19.71
C GLU A 101 19.71 0.19 -18.70
N ASN A 102 19.57 -0.85 -17.87
CA ASN A 102 18.43 -0.94 -16.95
C ASN A 102 18.79 -0.93 -15.46
N ILE A 103 17.87 -0.39 -14.65
CA ILE A 103 17.90 -0.55 -13.19
C ILE A 103 16.97 -1.71 -12.83
N TYR A 104 17.41 -2.57 -11.91
CA TYR A 104 16.67 -3.78 -11.54
C TYR A 104 16.33 -3.84 -10.06
N ILE A 105 15.04 -3.94 -9.75
CA ILE A 105 14.55 -4.08 -8.37
C ILE A 105 13.71 -5.35 -8.23
N LEU A 106 14.22 -6.33 -7.51
CA LEU A 106 13.52 -7.60 -7.36
C LEU A 106 12.78 -7.66 -6.04
N LEU A 107 11.52 -8.08 -6.09
CA LEU A 107 10.62 -8.01 -4.95
C LEU A 107 9.80 -9.28 -4.80
N GLU A 108 9.25 -9.49 -3.60
CA GLU A 108 8.40 -10.63 -3.31
C GLU A 108 7.33 -10.82 -4.38
N TYR A 109 7.37 -11.98 -5.04
CA TYR A 109 6.37 -12.36 -6.03
C TYR A 109 5.05 -12.67 -5.33
N CYS A 110 4.03 -11.88 -5.67
CA CYS A 110 2.70 -12.01 -5.12
C CYS A 110 1.74 -12.41 -6.25
N SER A 111 1.51 -13.72 -6.37
CA SER A 111 0.89 -14.32 -7.56
C SER A 111 -0.60 -14.00 -7.75
N ARG A 112 -1.26 -13.58 -6.68
CA ARG A 112 -2.68 -13.31 -6.74
C ARG A 112 -2.85 -11.80 -6.61
N ARG A 113 -1.91 -11.06 -7.17
CA ARG A 113 -1.94 -9.67 -7.55
C ARG A 113 -2.20 -8.71 -6.43
N SER A 114 -3.10 -7.76 -6.60
CA SER A 114 -3.41 -6.81 -5.54
C SER A 114 -4.89 -6.77 -5.17
N MET A 115 -5.22 -6.02 -4.13
CA MET A 115 -6.60 -5.90 -3.65
C MET A 115 -7.48 -5.03 -4.54
N ALA A 116 -6.87 -4.15 -5.33
CA ALA A 116 -7.60 -3.35 -6.31
C ALA A 116 -8.20 -4.28 -7.38
N HIS A 117 -7.50 -5.38 -7.63
CA HIS A 117 -7.92 -6.43 -8.56
C HIS A 117 -9.09 -7.24 -8.00
N ILE A 118 -9.02 -7.59 -6.71
CA ILE A 118 -10.07 -8.39 -6.08
C ILE A 118 -11.34 -7.57 -5.94
N LEU A 119 -11.21 -6.29 -5.58
CA LEU A 119 -12.37 -5.44 -5.37
C LEU A 119 -13.11 -5.11 -6.67
N LYS A 120 -12.41 -5.06 -7.79
CA LYS A 120 -13.05 -4.96 -9.11
C LYS A 120 -13.95 -6.19 -9.33
N ALA A 121 -13.40 -7.38 -9.07
CA ALA A 121 -14.06 -8.67 -9.32
C ALA A 121 -15.17 -9.01 -8.33
N ARG A 122 -15.18 -8.33 -7.18
CA ARG A 122 -16.15 -8.62 -6.13
C ARG A 122 -17.11 -7.46 -5.90
N LYS A 123 -16.68 -6.26 -6.29
CA LYS A 123 -17.40 -4.99 -6.06
C LYS A 123 -17.23 -4.62 -4.59
N VAL A 124 -17.62 -5.52 -3.70
CA VAL A 124 -17.79 -5.28 -2.27
C VAL A 124 -17.47 -6.55 -1.47
N LEU A 125 -16.80 -6.40 -0.34
CA LEU A 125 -16.42 -7.56 0.48
C LEU A 125 -17.34 -7.76 1.70
N THR A 126 -17.35 -8.98 2.22
CA THR A 126 -18.05 -9.30 3.48
C THR A 126 -17.22 -8.81 4.66
N GLU A 127 -17.87 -8.52 5.78
CA GLU A 127 -17.18 -8.01 6.99
C GLU A 127 -16.00 -8.88 7.48
N PRO A 128 -16.18 -10.23 7.54
CA PRO A 128 -15.05 -11.10 7.90
C PRO A 128 -13.86 -11.05 6.95
N GLU A 129 -14.11 -10.79 5.67
CA GLU A 129 -13.04 -10.54 4.69
C GLU A 129 -12.31 -9.23 4.97
N VAL A 130 -13.09 -8.16 5.26
CA VAL A 130 -12.54 -6.85 5.65
C VAL A 130 -11.70 -6.94 6.93
N ARG A 131 -12.17 -7.73 7.89
CA ARG A 131 -11.40 -8.00 9.11
C ARG A 131 -10.12 -8.79 8.82
N TYR A 132 -10.20 -9.80 7.96
CA TYR A 132 -9.04 -10.59 7.55
C TYR A 132 -7.94 -9.75 6.88
N TYR A 133 -8.33 -8.86 5.98
CA TYR A 133 -7.37 -8.02 5.24
C TYR A 133 -6.80 -6.86 6.03
N LEU A 134 -7.65 -6.18 6.81
CA LEU A 134 -7.21 -5.02 7.58
C LEU A 134 -6.32 -5.33 8.78
N ARG A 135 -6.48 -6.52 9.36
CA ARG A 135 -5.56 -6.98 10.42
C ARG A 135 -4.13 -7.08 9.88
N GLN A 136 -3.99 -7.64 8.68
CA GLN A 136 -2.71 -7.73 7.98
C GLN A 136 -2.13 -6.35 7.62
N ILE A 137 -3.00 -5.44 7.15
CA ILE A 137 -2.57 -4.09 6.74
C ILE A 137 -2.02 -3.29 7.92
N VAL A 138 -2.72 -3.36 9.04
CA VAL A 138 -2.36 -2.66 10.27
C VAL A 138 -1.08 -3.25 10.90
N SER A 139 -0.90 -4.57 10.79
CA SER A 139 0.34 -5.24 11.21
C SER A 139 1.56 -4.70 10.44
N GLY A 140 1.46 -4.66 9.12
CA GLY A 140 2.56 -4.19 8.26
C GLY A 140 2.86 -2.71 8.40
N LEU A 141 1.85 -1.93 8.77
CA LEU A 141 2.00 -0.47 8.96
C LEU A 141 2.58 -0.14 10.34
N LYS A 142 2.16 -0.87 11.37
CA LYS A 142 2.79 -0.79 12.69
C LYS A 142 4.29 -0.93 12.55
N TYR A 143 4.72 -2.02 11.91
CA TYR A 143 6.15 -2.25 11.63
C TYR A 143 6.81 -1.00 11.05
N LEU A 144 6.24 -0.49 9.95
CA LEU A 144 6.77 0.69 9.25
C LEU A 144 6.83 1.93 10.14
N HIS A 145 5.76 2.16 10.89
CA HIS A 145 5.65 3.34 11.75
C HIS A 145 6.59 3.28 12.95
N GLU A 146 6.90 2.07 13.42
CA GLU A 146 7.95 1.89 14.42
C GLU A 146 9.36 2.07 13.83
N GLN A 147 9.55 1.61 12.59
CA GLN A 147 10.75 1.91 11.79
C GLN A 147 10.88 3.42 11.56
N GLU A 148 9.75 4.12 11.71
CA GLU A 148 9.63 5.57 11.50
C GLU A 148 9.58 5.95 10.03
N ILE A 149 9.01 5.05 9.22
CA ILE A 149 8.79 5.31 7.80
C ILE A 149 7.30 5.44 7.51
N LEU A 150 6.93 6.53 6.86
CA LEU A 150 5.57 6.77 6.42
C LEU A 150 5.40 6.28 4.98
N HIS A 151 4.36 5.49 4.74
CA HIS A 151 4.07 4.92 3.41
C HIS A 151 3.67 6.00 2.40
N ARG A 152 2.74 6.85 2.82
CA ARG A 152 2.25 8.03 2.07
C ARG A 152 1.50 7.71 0.75
N ASP A 153 1.13 6.46 0.52
CA ASP A 153 0.42 6.08 -0.70
C ASP A 153 -0.42 4.81 -0.52
N LEU A 154 -0.97 4.64 0.69
CA LEU A 154 -1.82 3.48 0.97
C LEU A 154 -3.09 3.52 0.13
N LYS A 155 -3.25 2.50 -0.71
CA LYS A 155 -4.46 2.31 -1.49
C LYS A 155 -4.65 0.82 -1.69
N LEU A 156 -5.82 0.42 -2.18
CA LEU A 156 -6.09 -0.99 -2.43
C LEU A 156 -5.13 -1.59 -3.47
N GLY A 157 -4.67 -0.74 -4.39
CA GLY A 157 -3.68 -1.11 -5.41
C GLY A 157 -2.33 -1.57 -4.88
N ASN A 158 -1.98 -1.11 -3.68
CA ASN A 158 -0.67 -1.38 -3.06
C ASN A 158 -0.65 -2.50 -2.01
N PHE A 159 -1.76 -3.21 -1.87
CA PHE A 159 -1.83 -4.36 -0.97
C PHE A 159 -1.76 -5.64 -1.78
N PHE A 160 -0.55 -6.23 -1.83
CA PHE A 160 -0.28 -7.39 -2.67
C PHE A 160 -0.54 -8.70 -1.95
N ILE A 161 -1.17 -9.63 -2.67
CA ILE A 161 -1.59 -10.91 -2.11
C ILE A 161 -0.80 -12.02 -2.78
N ASN A 162 -0.38 -13.02 -1.99
CA ASN A 162 0.38 -14.15 -2.52
C ASN A 162 -0.50 -15.40 -2.78
N GLU A 163 0.10 -16.50 -3.22
CA GLU A 163 -0.64 -17.74 -3.50
C GLU A 163 -1.48 -18.17 -2.30
N SER A 164 -0.84 -18.22 -1.14
CA SER A 164 -1.43 -18.66 0.12
C SER A 164 -2.27 -17.59 0.84
N MET A 165 -2.59 -16.52 0.10
CA MET A 165 -3.55 -15.48 0.50
C MET A 165 -3.11 -14.53 1.60
N GLU A 166 -1.83 -14.14 1.59
CA GLU A 166 -1.28 -13.26 2.63
C GLU A 166 -0.95 -11.88 2.09
N LEU A 167 -1.42 -10.87 2.80
CA LEU A 167 -1.30 -9.48 2.38
C LEU A 167 0.07 -8.90 2.69
N LYS A 168 0.66 -8.31 1.67
CA LYS A 168 1.91 -7.55 1.76
C LYS A 168 1.63 -6.13 1.29
N VAL A 169 2.01 -5.17 2.11
CA VAL A 169 1.94 -3.74 1.79
C VAL A 169 3.19 -3.38 0.97
N GLY A 170 2.97 -2.81 -0.21
CA GLY A 170 4.07 -2.55 -1.16
C GLY A 170 4.06 -1.17 -1.81
N ASP A 171 4.92 -1.01 -2.79
CA ASP A 171 5.17 0.27 -3.47
C ASP A 171 5.57 1.45 -2.57
N PHE A 172 6.82 1.42 -2.19
CA PHE A 172 7.42 2.44 -1.35
C PHE A 172 7.75 3.47 -2.35
N GLY A 173 8.28 4.65 -2.14
CA GLY A 173 8.21 5.44 -3.34
C GLY A 173 7.71 6.83 -3.25
N LEU A 174 6.59 6.93 -2.57
CA LEU A 174 6.14 8.12 -1.98
C LEU A 174 6.44 7.93 -0.55
N ALA A 175 7.22 6.92 -0.20
CA ALA A 175 7.68 6.65 1.16
C ALA A 175 8.65 7.67 1.72
N ALA A 176 8.58 7.99 3.01
CA ALA A 176 9.58 8.88 3.62
C ALA A 176 9.72 8.71 5.13
N ARG A 177 10.85 9.17 5.66
CA ARG A 177 11.11 9.14 7.10
C ARG A 177 10.30 10.23 7.80
N LEU A 178 9.75 9.89 8.97
CA LEU A 178 8.93 10.83 9.74
C LEU A 178 9.70 12.07 10.16
N GLU A 179 9.13 13.22 9.82
CA GLU A 179 9.72 14.53 10.13
C GLU A 179 8.88 15.18 11.24
N PRO A 180 9.54 15.65 12.32
CA PRO A 180 8.84 16.49 13.31
C PRO A 180 8.10 17.65 12.63
N LEU A 181 6.99 18.11 13.24
CA LEU A 181 6.12 19.13 12.65
C LEU A 181 6.86 20.38 12.16
N GLU A 182 7.77 20.89 12.98
CA GLU A 182 8.58 22.07 12.65
C GLU A 182 9.69 21.78 11.63
N HIS A 183 9.99 20.50 11.42
CA HIS A 183 11.02 20.07 10.48
C HIS A 183 10.43 19.38 9.25
N ARG A 184 9.15 19.67 8.96
CA ARG A 184 8.38 18.87 8.01
C ARG A 184 8.23 19.48 6.63
N ARG A 185 8.23 18.60 5.62
CA ARG A 185 7.91 18.92 4.23
C ARG A 185 6.41 19.22 4.09
N ARG A 186 6.09 20.46 3.74
CA ARG A 186 4.70 20.96 3.74
C ARG A 186 3.99 20.79 2.39
N THR A 187 4.74 20.91 1.29
CA THR A 187 4.20 20.75 -0.06
C THR A 187 3.66 19.33 -0.30
N ILE A 188 2.59 19.22 -1.10
CA ILE A 188 1.94 17.93 -1.36
C ILE A 188 2.83 16.98 -2.16
N CYS A 189 3.18 15.85 -1.54
CA CYS A 189 4.10 14.88 -2.13
C CYS A 189 3.40 14.02 -3.17
N GLY A 190 3.93 14.05 -4.39
CA GLY A 190 3.39 13.27 -5.51
C GLY A 190 1.90 13.48 -5.69
N THR A 191 1.18 12.39 -5.95
CA THR A 191 -0.25 12.47 -6.23
C THR A 191 -0.99 11.22 -5.71
N PRO A 192 -1.23 11.16 -4.37
CA PRO A 192 -1.71 9.94 -3.74
C PRO A 192 -3.22 9.77 -3.82
N ASN A 193 -3.68 8.56 -3.50
CA ASN A 193 -5.06 8.17 -3.66
C ASN A 193 -6.01 8.83 -2.67
N TYR A 194 -5.53 9.07 -1.45
CA TYR A 194 -6.37 9.56 -0.35
C TYR A 194 -5.71 10.68 0.43
N LEU A 195 -5.88 11.92 -0.03
CA LEU A 195 -5.32 13.10 0.62
C LEU A 195 -6.02 13.46 1.94
N SER A 196 -5.20 13.63 2.98
CA SER A 196 -5.68 13.94 4.33
C SER A 196 -6.03 15.42 4.44
N PRO A 197 -6.92 15.77 5.40
CA PRO A 197 -7.22 17.17 5.67
C PRO A 197 -5.98 17.98 6.06
N GLU A 198 -5.06 17.37 6.82
CA GLU A 198 -3.87 18.08 7.33
C GLU A 198 -2.84 18.42 6.25
N VAL A 199 -2.67 17.53 5.28
CA VAL A 199 -1.78 17.80 4.13
C VAL A 199 -2.30 18.99 3.32
N LEU A 200 -3.62 19.07 3.18
CA LEU A 200 -4.29 20.17 2.48
C LEU A 200 -4.17 21.51 3.20
N ASN A 201 -3.86 21.46 4.50
CA ASN A 201 -3.67 22.66 5.31
C ASN A 201 -2.19 23.06 5.43
N LYS A 202 -1.36 22.53 4.52
CA LYS A 202 0.08 22.81 4.47
C LYS A 202 0.80 22.44 5.78
N GLN A 203 0.38 21.34 6.39
CA GLN A 203 0.96 20.87 7.66
C GLN A 203 1.91 19.70 7.48
N GLY A 204 1.90 19.10 6.30
CA GLY A 204 2.72 17.94 6.02
C GLY A 204 1.99 16.64 6.31
N HIS A 205 2.68 15.53 6.07
CA HIS A 205 2.11 14.18 6.13
C HIS A 205 2.68 13.42 7.34
N GLY A 206 1.90 13.33 8.40
CA GLY A 206 2.31 12.59 9.60
C GLY A 206 1.92 11.12 9.56
N ALA A 207 1.88 10.50 10.73
CA ALA A 207 1.48 9.10 10.84
C ALA A 207 -0.05 8.97 10.74
N GLU A 208 -0.76 9.99 11.19
CA GLU A 208 -2.24 10.00 11.20
C GLU A 208 -2.83 10.21 9.80
N SER A 209 -2.00 10.74 8.89
CA SER A 209 -2.34 10.85 7.47
C SER A 209 -2.37 9.48 6.80
N ASP A 210 -1.58 8.55 7.32
CA ASP A 210 -1.63 7.14 6.92
C ASP A 210 -2.88 6.45 7.48
N ILE A 211 -3.29 6.86 8.68
CA ILE A 211 -4.50 6.34 9.35
C ILE A 211 -5.77 6.82 8.64
N TRP A 212 -5.73 8.08 8.19
CA TRP A 212 -6.75 8.66 7.34
C TRP A 212 -7.03 7.76 6.14
N ALA A 213 -5.96 7.39 5.41
CA ALA A 213 -6.06 6.54 4.23
C ALA A 213 -6.67 5.18 4.52
N LEU A 214 -6.37 4.61 5.70
CA LEU A 214 -6.97 3.36 6.20
C LEU A 214 -8.48 3.45 6.40
N GLY A 215 -8.96 4.64 6.71
CA GLY A 215 -10.41 4.91 6.74
C GLY A 215 -10.98 4.83 5.34
N CYS A 216 -10.32 5.51 4.40
CA CYS A 216 -10.69 5.49 2.98
C CYS A 216 -10.63 4.09 2.38
N VAL A 217 -9.65 3.30 2.82
CA VAL A 217 -9.47 1.91 2.43
C VAL A 217 -10.62 1.03 2.95
N MET A 218 -10.84 1.07 4.27
CA MET A 218 -11.89 0.27 4.93
C MET A 218 -13.29 0.56 4.37
N TYR A 219 -13.59 1.84 4.24
CA TYR A 219 -14.80 2.34 3.58
C TYR A 219 -15.00 1.71 2.19
N THR A 220 -13.96 1.75 1.36
CA THR A 220 -14.01 1.22 0.00
C THR A 220 -14.12 -0.32 -0.06
N MET A 221 -13.56 -1.01 0.94
CA MET A 221 -13.68 -2.47 1.03
C MET A 221 -15.13 -2.86 1.29
N LEU A 222 -15.80 -2.09 2.15
CA LEU A 222 -17.19 -2.33 2.52
C LEU A 222 -18.22 -1.78 1.53
N LEU A 223 -17.83 -0.78 0.73
CA LEU A 223 -18.79 -0.10 -0.14
C LEU A 223 -18.46 -0.07 -1.66
N GLY A 224 -17.18 -0.15 -2.00
CA GLY A 224 -16.75 -0.14 -3.39
C GLY A 224 -16.66 1.25 -4.00
N ARG A 225 -16.66 2.26 -3.12
CA ARG A 225 -16.46 3.66 -3.50
C ARG A 225 -15.77 4.39 -2.35
N PRO A 226 -14.85 5.33 -2.66
CA PRO A 226 -14.18 6.10 -1.61
C PRO A 226 -15.10 7.12 -0.90
N PRO A 227 -14.76 7.53 0.35
CA PRO A 227 -15.56 8.50 1.12
C PRO A 227 -15.55 9.89 0.48
N PHE A 228 -14.43 10.24 -0.14
CA PHE A 228 -14.27 11.50 -0.84
C PHE A 228 -13.84 11.25 -2.28
N GLU A 229 -13.99 12.25 -3.14
CA GLU A 229 -13.49 12.17 -4.51
C GLU A 229 -11.97 12.11 -4.53
N THR A 230 -11.44 11.27 -5.43
CA THR A 230 -9.99 11.01 -5.50
C THR A 230 -9.36 11.64 -6.73
N THR A 231 -9.93 12.74 -7.20
CA THR A 231 -9.48 13.42 -8.40
C THR A 231 -8.26 14.32 -8.14
N ASN A 232 -7.99 14.56 -6.85
CA ASN A 232 -6.95 15.49 -6.38
C ASN A 232 -7.11 16.92 -6.90
N LEU A 233 -8.25 17.18 -7.53
CA LEU A 233 -8.61 18.52 -8.03
C LEU A 233 -8.81 19.48 -6.86
N LYS A 234 -8.53 20.75 -7.08
CA LYS A 234 -8.69 21.78 -6.03
C LYS A 234 -10.16 22.06 -5.66
N GLU A 235 -11.08 21.57 -6.48
CA GLU A 235 -12.51 21.62 -6.15
C GLU A 235 -12.84 20.66 -5.02
N THR A 236 -11.99 19.65 -4.85
CA THR A 236 -12.28 18.55 -3.97
C THR A 236 -11.80 18.87 -2.54
N TYR A 237 -10.91 19.84 -2.43
CA TYR A 237 -10.20 20.18 -1.19
C TYR A 237 -11.11 20.55 -0.03
N ARG A 238 -12.17 21.32 -0.31
CA ARG A 238 -13.05 21.83 0.74
C ARG A 238 -13.80 20.73 1.49
N SER A 239 -14.40 19.79 0.75
CA SER A 239 -15.18 18.70 1.36
C SER A 239 -14.36 17.82 2.30
N ILE A 240 -13.07 17.67 2.01
CA ILE A 240 -12.16 16.79 2.74
C ILE A 240 -11.67 17.39 4.07
N ARG A 241 -11.80 18.68 4.24
CA ARG A 241 -11.08 19.35 5.27
C ARG A 241 -11.53 19.36 6.73
N GLU A 242 -12.73 19.69 7.17
CA GLU A 242 -14.08 19.51 6.70
C GLU A 242 -14.55 18.11 6.90
N ALA A 243 -13.77 17.22 6.39
CA ALA A 243 -13.96 15.76 6.61
C ALA A 243 -15.41 15.28 6.71
N ARG A 244 -16.28 15.85 5.90
CA ARG A 244 -17.70 15.51 5.91
C ARG A 244 -18.08 14.71 4.67
N TYR A 245 -18.92 13.71 4.87
CA TYR A 245 -19.28 12.70 3.87
C TYR A 245 -20.57 12.01 4.29
N THR A 246 -21.15 11.20 3.40
CA THR A 246 -22.35 10.43 3.76
C THR A 246 -21.97 9.05 4.26
N MET A 247 -22.51 8.66 5.42
CA MET A 247 -22.41 7.30 5.90
C MET A 247 -23.64 6.53 5.45
N PRO A 248 -23.46 5.51 4.61
CA PRO A 248 -24.59 4.68 4.15
C PRO A 248 -25.19 3.80 5.24
N SER A 249 -26.51 3.66 5.23
CA SER A 249 -27.23 2.87 6.22
C SER A 249 -26.92 1.37 6.14
N SER A 250 -26.33 0.95 5.03
CA SER A 250 -26.02 -0.47 4.79
C SER A 250 -24.98 -1.00 5.77
N LEU A 251 -24.15 -0.09 6.28
CA LEU A 251 -23.10 -0.40 7.27
C LEU A 251 -23.67 -0.79 8.63
N LEU A 252 -23.06 -1.80 9.24
CA LEU A 252 -23.40 -2.16 10.61
C LEU A 252 -22.78 -1.14 11.56
N ALA A 253 -23.31 -1.09 12.79
CA ALA A 253 -22.90 -0.10 13.78
C ALA A 253 -21.37 -0.01 14.03
N PRO A 254 -20.72 -1.14 14.44
CA PRO A 254 -19.29 -1.11 14.75
C PRO A 254 -18.39 -0.65 13.60
N ALA A 255 -18.68 -1.08 12.37
CA ALA A 255 -17.92 -0.67 11.18
C ALA A 255 -17.98 0.84 10.99
N LYS A 256 -19.22 1.35 11.01
CA LYS A 256 -19.54 2.79 10.98
C LYS A 256 -18.72 3.64 11.97
N HIS A 257 -18.61 3.19 13.23
CA HIS A 257 -17.91 3.92 14.29
C HIS A 257 -16.40 4.04 14.03
N LEU A 258 -15.79 2.94 13.61
CA LEU A 258 -14.35 2.88 13.36
C LEU A 258 -13.93 3.71 12.13
N ILE A 259 -14.73 3.67 11.06
CA ILE A 259 -14.51 4.56 9.90
C ILE A 259 -14.56 6.04 10.30
N ALA A 260 -15.60 6.41 11.05
CA ALA A 260 -15.75 7.76 11.58
C ALA A 260 -14.59 8.13 12.53
N SER A 261 -14.02 7.12 13.18
CA SER A 261 -12.90 7.31 14.09
C SER A 261 -11.63 7.67 13.31
N MET A 262 -11.32 6.85 12.30
CA MET A 262 -10.10 7.00 11.48
C MET A 262 -10.17 8.22 10.57
N LEU A 263 -11.38 8.61 10.21
CA LEU A 263 -11.62 9.80 9.39
C LEU A 263 -11.92 11.06 10.20
N SER A 264 -11.43 11.13 11.44
CA SER A 264 -11.53 12.35 12.25
C SER A 264 -10.90 13.53 11.52
N LYS A 265 -11.52 14.70 11.63
CA LYS A 265 -11.03 15.91 10.97
C LYS A 265 -9.66 16.33 11.49
N ASN A 266 -9.50 16.29 12.82
CA ASN A 266 -8.26 16.61 13.50
C ASN A 266 -7.36 15.37 13.62
N PRO A 267 -6.12 15.44 13.11
CA PRO A 267 -5.15 14.32 13.10
C PRO A 267 -5.00 13.59 14.45
N GLU A 268 -4.84 14.34 15.54
CA GLU A 268 -4.61 13.73 16.86
C GLU A 268 -5.88 13.15 17.52
N ASP A 269 -7.02 13.28 16.83
CA ASP A 269 -8.26 12.64 17.28
C ASP A 269 -8.41 11.23 16.73
N ARG A 270 -7.58 10.89 15.75
CA ARG A 270 -7.61 9.56 15.12
C ARG A 270 -6.99 8.49 16.02
N PRO A 271 -7.53 7.25 15.97
CA PRO A 271 -7.03 6.17 16.83
C PRO A 271 -5.62 5.72 16.46
N SER A 272 -4.90 5.17 17.43
CA SER A 272 -3.62 4.54 17.16
C SER A 272 -3.87 3.20 16.47
N LEU A 273 -2.81 2.59 15.92
CA LEU A 273 -2.94 1.30 15.26
C LEU A 273 -3.29 0.18 16.24
N ASP A 274 -2.83 0.34 17.49
CA ASP A 274 -3.20 -0.55 18.59
C ASP A 274 -4.67 -0.38 18.98
N ASP A 275 -5.14 0.88 19.01
CA ASP A 275 -6.54 1.22 19.24
C ASP A 275 -7.44 0.64 18.14
N ILE A 276 -6.90 0.54 16.92
CA ILE A 276 -7.66 0.11 15.73
C ILE A 276 -7.98 -1.40 15.75
N ILE A 277 -6.96 -2.22 15.94
CA ILE A 277 -7.10 -3.69 15.91
C ILE A 277 -7.85 -4.28 17.13
N ARG A 278 -8.20 -3.41 18.07
CA ARG A 278 -8.89 -3.83 19.29
C ARG A 278 -10.34 -3.33 19.37
N HIS A 279 -10.74 -2.57 18.35
CA HIS A 279 -12.11 -2.05 18.20
C HIS A 279 -13.13 -3.20 18.13
N ASP A 280 -14.37 -2.91 18.53
CA ASP A 280 -15.51 -3.85 18.43
C ASP A 280 -15.69 -4.46 17.04
N PHE A 281 -15.38 -3.68 16.00
CA PHE A 281 -15.41 -4.16 14.62
C PHE A 281 -14.62 -5.45 14.47
N PHE A 282 -13.44 -5.50 15.08
CA PHE A 282 -12.55 -6.67 15.02
C PHE A 282 -12.89 -7.76 16.03
N THR A 283 -13.13 -7.37 17.28
CA THR A 283 -13.24 -8.32 18.39
C THR A 283 -14.60 -9.01 18.50
N GLN A 284 -15.66 -8.30 18.12
CA GLN A 284 -17.03 -8.80 18.30
C GLN A 284 -17.62 -9.58 17.12
N GLY A 285 -16.81 -9.77 16.07
CA GLY A 285 -17.22 -10.59 14.93
C GLY A 285 -16.30 -11.77 14.71
N PHE A 286 -16.73 -12.70 13.87
CA PHE A 286 -15.89 -13.82 13.45
C PHE A 286 -14.89 -13.35 12.40
N THR A 287 -13.66 -13.87 12.49
CA THR A 287 -12.62 -13.62 11.48
C THR A 287 -11.84 -14.91 11.21
N PRO A 288 -11.82 -15.36 9.94
CA PRO A 288 -11.09 -16.58 9.58
C PRO A 288 -9.58 -16.42 9.67
N ASP A 289 -8.88 -17.53 9.89
CA ASP A 289 -7.42 -17.54 9.89
C ASP A 289 -6.92 -17.61 8.46
N ARG A 290 -7.64 -18.36 7.63
CA ARG A 290 -7.27 -18.52 6.22
C ARG A 290 -8.44 -18.25 5.30
N LEU A 291 -8.26 -17.25 4.44
CA LEU A 291 -9.25 -16.94 3.43
C LEU A 291 -8.96 -17.78 2.20
N SER A 292 -10.01 -18.36 1.62
CA SER A 292 -9.92 -19.16 0.40
C SER A 292 -9.66 -18.24 -0.78
N SER A 293 -9.05 -18.79 -1.83
CA SER A 293 -8.76 -18.05 -3.05
C SER A 293 -9.99 -17.79 -3.91
N SER A 294 -11.07 -18.51 -3.61
CA SER A 294 -12.35 -18.29 -4.28
C SER A 294 -12.86 -16.86 -4.02
N CYS A 295 -12.48 -16.30 -2.88
CA CYS A 295 -12.82 -14.93 -2.48
C CYS A 295 -12.26 -13.82 -3.38
N CYS A 296 -11.33 -14.19 -4.27
CA CYS A 296 -10.85 -13.30 -5.31
C CYS A 296 -11.90 -13.07 -6.39
N HIS A 297 -12.98 -13.84 -6.34
CA HIS A 297 -13.98 -13.84 -7.40
C HIS A 297 -15.31 -13.89 -6.63
N THR A 298 -15.54 -15.00 -5.92
CA THR A 298 -16.84 -15.42 -5.37
C THR A 298 -17.03 -14.95 -3.91
N VAL A 299 -18.29 -14.79 -3.50
CA VAL A 299 -18.62 -14.46 -2.11
C VAL A 299 -18.50 -15.69 -1.21
N PRO A 300 -17.89 -15.52 -0.01
CA PRO A 300 -17.72 -16.67 0.88
C PRO A 300 -18.99 -16.98 1.66
N ASP A 301 -19.05 -18.20 2.22
CA ASP A 301 -20.20 -18.67 3.01
C ASP A 301 -20.32 -17.94 4.32
N PHE A 302 -21.56 -17.85 4.82
CA PHE A 302 -21.88 -17.24 6.12
C PHE A 302 -21.30 -18.00 7.32
N HIS A 303 -20.93 -17.24 8.36
CA HIS A 303 -20.31 -17.74 9.60
C HIS A 303 -18.98 -18.45 9.35
O12 1C8 B . 5.86 -4.05 -5.99
C9 1C8 B . 5.31 -4.91 -6.68
N10 1C8 B . 5.27 -6.26 -6.22
C11 1C8 B . 5.93 -6.62 -4.97
C2 1C8 B . 4.68 -7.24 -7.01
C8 1C8 B . 4.70 -4.51 -7.96
C13 1C8 B . 5.76 -3.91 -8.88
C14 1C8 B . 6.79 -4.86 -9.39
N7 1C8 B . 4.06 -5.56 -8.73
C15 1C8 B . 3.38 -5.21 -9.95
C19 1C8 B . 4.04 -5.27 -11.32
C18 1C8 B . 3.30 -4.22 -12.14
C17 1C8 B . 2.44 -3.37 -11.21
C16 1C8 B . 2.60 -3.93 -9.81
C3 1C8 B . 4.06 -6.87 -8.28
N4 1C8 B . 3.49 -7.81 -9.01
C5 1C8 B . 3.45 -9.07 -8.58
N6 1C8 B . 4.03 -9.44 -7.43
C1 1C8 B . 4.65 -8.57 -6.65
N20 1C8 B . 2.89 -9.98 -9.34
C24 1C8 B . 3.43 -11.17 -9.45
C23 1C8 B . 2.63 -11.84 -10.35
N22 1C8 B . 1.66 -11.04 -10.75
C21 1C8 B . 1.88 -9.89 -10.14
C25 1C8 B . 0.98 -8.73 -10.32
C29 1C8 B . 0.51 -8.10 -9.19
S28 1C8 B . -0.47 -6.91 -9.89
C27 1C8 B . -0.22 -7.33 -11.53
N26 1C8 B . 0.61 -8.36 -11.57
#